data_5TOG
#
_entry.id   5TOG
#
_cell.length_a   43.920
_cell.length_b   43.920
_cell.length_c   55.440
_cell.angle_alpha   90.000
_cell.angle_beta   90.000
_cell.angle_gamma   120.000
#
_symmetry.space_group_name_H-M   'P 31 2 1'
#
loop_
_entity.id
_entity.type
_entity.pdbx_description
1 polymer Polyubiquitin-B
2 non-polymer 'SULFATE ION'
3 water water
#
_entity_poly.entity_id   1
_entity_poly.type   'polypeptide(L)'
_entity_poly.pdbx_seq_one_letter_code
;GSMQIFVKFRTGKTYTLEVEPSDTIENVKAKIQDKLGIPPDQQWLIFAGKRLEDGRTLSDYNIQKESTLRGVRRLRGG
;
_entity_poly.pdbx_strand_id   A
#
loop_
_chem_comp.id
_chem_comp.type
_chem_comp.name
_chem_comp.formula
SO4 non-polymer 'SULFATE ION' 'O4 S -2'
#
# COMPACT_ATOMS: atom_id res chain seq x y z
N GLY A 1 7.59 8.25 12.75
N GLY A 1 7.69 8.79 11.80
CA GLY A 1 6.16 8.63 12.97
CA GLY A 1 6.36 8.88 12.46
C GLY A 1 5.26 7.69 12.20
C GLY A 1 5.37 7.88 11.89
N SER A 2 3.96 8.01 12.20
N SER A 2 4.08 8.11 12.14
CA SER A 2 2.96 7.19 11.57
CA SER A 2 3.01 7.29 11.62
C SER A 2 1.90 8.08 10.94
C SER A 2 2.07 8.14 10.76
N MET A 3 1.17 7.49 9.99
N MET A 3 1.30 7.46 9.93
CA MET A 3 0.06 8.14 9.34
CA MET A 3 0.27 8.13 9.15
C MET A 3 -0.91 7.08 8.87
C MET A 3 -0.73 7.10 8.66
N GLN A 4 -2.12 7.51 8.58
N GLN A 4 -1.96 7.54 8.51
CA GLN A 4 -3.14 6.66 7.99
CA GLN A 4 -3.02 6.74 7.94
C GLN A 4 -3.18 6.92 6.50
C GLN A 4 -3.01 6.90 6.42
N ILE A 5 -3.18 5.86 5.71
N ILE A 5 -3.18 5.79 5.71
CA ILE A 5 -3.52 5.89 4.30
CA ILE A 5 -3.49 5.78 4.29
C ILE A 5 -4.66 4.91 4.04
C ILE A 5 -4.74 4.95 4.08
N PHE A 6 -5.11 4.85 2.80
N PHE A 6 -5.16 4.83 2.83
CA PHE A 6 -6.23 4.01 2.39
CA PHE A 6 -6.21 3.92 2.46
C PHE A 6 -5.78 3.08 1.27
C PHE A 6 -5.70 2.99 1.37
N VAL A 7 -6.38 1.89 1.23
N VAL A 7 -6.31 1.81 1.27
CA VAL A 7 -6.19 0.94 0.15
CA VAL A 7 -6.08 0.89 0.16
C VAL A 7 -7.56 0.59 -0.40
C VAL A 7 -7.45 0.51 -0.40
N LYS A 8 -7.74 0.82 -1.71
N LYS A 8 -7.67 0.83 -1.67
CA LYS A 8 -9.00 0.64 -2.40
CA LYS A 8 -8.93 0.59 -2.35
C LYS A 8 -8.89 -0.51 -3.38
C LYS A 8 -8.79 -0.59 -3.29
N PHE A 9 -9.80 -1.47 -3.25
N PHE A 9 -9.78 -1.47 -3.26
CA PHE A 9 -9.86 -2.65 -4.10
CA PHE A 9 -9.84 -2.65 -4.11
C PHE A 9 -10.93 -2.49 -5.17
C PHE A 9 -10.87 -2.45 -5.21
N ARG A 10 -10.91 -3.39 -6.15
CA ARG A 10 -11.77 -3.25 -7.33
C ARG A 10 -13.24 -3.49 -7.02
N THR A 11 -13.56 -3.99 -5.84
CA THR A 11 -14.90 -4.08 -5.32
C THR A 11 -15.45 -2.74 -4.90
N GLY A 12 -14.66 -1.70 -4.96
N GLY A 12 -14.61 -1.72 -4.88
CA GLY A 12 -15.12 -0.41 -4.50
CA GLY A 12 -14.93 -0.42 -4.30
C GLY A 12 -15.04 -0.21 -3.02
C GLY A 12 -14.60 -0.30 -2.83
N LYS A 13 -14.44 -1.16 -2.28
N LYS A 13 -14.34 -1.42 -2.15
CA LYS A 13 -14.25 -1.04 -0.84
CA LYS A 13 -14.13 -1.40 -0.71
C LYS A 13 -12.86 -0.46 -0.56
C LYS A 13 -12.78 -0.77 -0.42
N THR A 14 -12.80 0.46 0.40
N THR A 14 -12.78 0.17 0.54
CA THR A 14 -11.57 1.14 0.78
CA THR A 14 -11.60 0.96 0.87
C THR A 14 -11.31 0.94 2.28
C THR A 14 -11.34 0.82 2.36
N TYR A 15 -10.24 0.23 2.61
N TYR A 15 -10.10 0.48 2.71
N TYR A 15 -10.17 0.42 2.65
CA TYR A 15 -9.87 0.04 4.00
CA TYR A 15 -9.71 0.15 4.07
CA TYR A 15 -9.74 0.13 4.01
C TYR A 15 -8.86 1.11 4.44
C TYR A 15 -8.60 1.06 4.55
C TYR A 15 -8.71 1.14 4.49
N THR A 16 -8.81 1.35 5.75
N THR A 16 -8.70 1.47 5.81
CA THR A 16 -7.70 2.13 6.27
CA THR A 16 -7.60 2.19 6.44
C THR A 16 -6.47 1.24 6.40
C THR A 16 -6.40 1.26 6.61
N LEU A 17 -5.33 1.90 6.52
N LEU A 17 -5.22 1.88 6.60
CA LEU A 17 -4.07 1.22 6.79
CA LEU A 17 -3.99 1.18 6.89
C LEU A 17 -3.22 2.19 7.58
C LEU A 17 -3.02 2.14 7.55
N GLU A 18 -2.51 1.66 8.57
N GLU A 18 -2.49 1.73 8.68
CA GLU A 18 -1.60 2.46 9.36
CA GLU A 18 -1.60 2.57 9.46
C GLU A 18 -0.20 2.18 8.87
C GLU A 18 -0.17 2.26 9.09
N VAL A 19 0.53 3.23 8.54
CA VAL A 19 1.85 3.06 7.97
C VAL A 19 2.81 4.09 8.53
N GLU A 20 4.05 4.01 8.09
CA GLU A 20 5.09 4.96 8.41
C GLU A 20 5.74 5.38 7.12
N PRO A 21 6.17 6.64 7.00
N PRO A 21 6.13 6.64 6.99
CA PRO A 21 6.81 7.05 5.74
CA PRO A 21 6.60 7.10 5.68
C PRO A 21 8.02 6.22 5.37
C PRO A 21 7.85 6.39 5.20
N SER A 22 8.73 5.70 6.37
N SER A 22 8.66 5.87 6.12
N SER A 22 8.90 5.78 6.10
CA SER A 22 9.92 4.90 6.15
CA SER A 22 9.87 5.14 5.74
CA SER A 22 10.10 4.95 5.95
C SER A 22 9.61 3.47 5.73
C SER A 22 9.62 3.66 5.47
C SER A 22 9.73 3.47 5.95
N ASP A 23 8.36 3.07 5.66
N ASP A 23 8.40 3.17 5.65
CA ASP A 23 8.04 1.70 5.32
CA ASP A 23 8.12 1.78 5.37
C ASP A 23 8.35 1.40 3.86
C ASP A 23 8.43 1.45 3.91
N THR A 24 9.00 0.27 3.65
N THR A 24 8.99 0.25 3.69
CA THR A 24 9.10 -0.24 2.30
CA THR A 24 9.12 -0.32 2.34
C THR A 24 7.74 -0.75 1.83
C THR A 24 7.77 -0.83 1.85
N ILE A 25 7.62 -0.92 0.53
CA ILE A 25 6.39 -1.45 -0.04
C ILE A 25 6.13 -2.85 0.46
N GLU A 26 7.16 -3.68 0.59
N GLU A 26 7.18 -3.68 0.57
CA GLU A 26 6.94 -5.03 1.11
CA GLU A 26 7.01 -5.04 1.08
C GLU A 26 6.40 -5.00 2.53
C GLU A 26 6.52 -5.02 2.53
N ASN A 27 6.84 -4.04 3.35
N ASN A 27 6.87 -3.99 3.29
N ASN A 27 6.87 -4.31 3.31
CA ASN A 27 6.31 -3.95 4.70
CA ASN A 27 6.36 -3.83 4.65
CA ASN A 27 6.36 -3.98 4.62
C ASN A 27 4.84 -3.56 4.69
C ASN A 27 4.88 -3.44 4.63
C ASN A 27 4.89 -3.55 4.58
N VAL A 28 4.46 -2.63 3.81
N VAL A 28 4.45 -2.68 3.62
CA VAL A 28 3.06 -2.28 3.67
CA VAL A 28 3.04 -2.35 3.50
C VAL A 28 2.24 -3.50 3.27
C VAL A 28 2.21 -3.60 3.23
N LYS A 29 2.76 -4.30 2.34
N LYS A 29 2.69 -4.45 2.31
CA LYS A 29 2.08 -5.57 2.01
CA LYS A 29 1.94 -5.65 1.97
C LYS A 29 1.92 -6.44 3.26
C LYS A 29 1.73 -6.56 3.19
N ALA A 30 2.97 -6.51 4.09
N ALA A 30 2.71 -6.61 4.09
CA ALA A 30 2.91 -7.29 5.32
CA ALA A 30 2.56 -7.44 5.28
C ALA A 30 1.76 -6.82 6.19
C ALA A 30 1.51 -6.87 6.21
N LYS A 31 1.56 -5.51 6.26
N LYS A 31 1.41 -5.54 6.29
CA LYS A 31 0.48 -4.97 7.07
CA LYS A 31 0.34 -4.96 7.09
C LYS A 31 -0.89 -5.37 6.53
C LYS A 31 -1.03 -5.32 6.52
N ILE A 32 -1.08 -5.27 5.22
N ILE A 32 -1.14 -5.41 5.19
CA ILE A 32 -2.34 -5.69 4.61
CA ILE A 32 -2.37 -5.87 4.54
C ILE A 32 -2.65 -7.15 4.92
C ILE A 32 -2.60 -7.35 4.84
N GLN A 33 -1.62 -8.00 4.94
N GLN A 33 -1.53 -8.15 4.92
CA GLN A 33 -1.82 -9.41 5.29
CA GLN A 33 -1.70 -9.54 5.33
C GLN A 33 -2.43 -9.56 6.67
C GLN A 33 -2.20 -9.62 6.77
N ASP A 34 -1.85 -8.86 7.67
N ASP A 34 -1.65 -8.80 7.66
CA ASP A 34 -2.42 -8.96 9.00
CA ASP A 34 -2.13 -8.84 9.04
C ASP A 34 -3.89 -8.53 9.04
C ASP A 34 -3.58 -8.40 9.14
N LYS A 35 -4.19 -7.37 8.44
N LYS A 35 -4.00 -7.40 8.36
CA LYS A 35 -5.54 -6.83 8.56
CA LYS A 35 -5.36 -6.89 8.48
C LYS A 35 -6.55 -7.64 7.77
C LYS A 35 -6.35 -7.76 7.71
N LEU A 36 -6.23 -7.97 6.51
N LEU A 36 -6.11 -7.96 6.41
CA LEU A 36 -7.20 -8.52 5.57
CA LEU A 36 -7.06 -8.58 5.51
C LEU A 36 -6.96 -9.98 5.23
C LEU A 36 -6.70 -10.01 5.13
N GLY A 37 -5.79 -10.54 5.56
N GLY A 37 -5.63 -10.57 5.71
CA GLY A 37 -5.51 -11.93 5.25
CA GLY A 37 -5.27 -11.95 5.46
C GLY A 37 -5.09 -12.19 3.82
C GLY A 37 -4.84 -12.24 4.04
N ILE A 38 -4.53 -11.19 3.14
N ILE A 38 -4.56 -11.23 3.24
CA ILE A 38 -4.08 -11.33 1.76
CA ILE A 38 -4.09 -11.40 1.87
C ILE A 38 -2.56 -11.50 1.80
C ILE A 38 -2.57 -11.55 1.91
N PRO A 39 -2.01 -12.65 1.42
CA PRO A 39 -0.57 -12.81 1.47
C PRO A 39 0.12 -11.81 0.56
N PRO A 40 1.37 -11.45 0.86
N PRO A 40 1.31 -11.34 0.93
CA PRO A 40 2.12 -10.53 -0.01
CA PRO A 40 2.04 -10.38 0.09
C PRO A 40 2.18 -10.98 -1.45
C PRO A 40 2.33 -10.84 -1.32
N ASP A 41 2.30 -12.29 -1.69
N ASP A 41 2.56 -12.13 -1.55
CA ASP A 41 2.48 -12.79 -3.04
CA ASP A 41 2.83 -12.58 -2.91
C ASP A 41 1.19 -12.78 -3.85
C ASP A 41 1.58 -12.59 -3.78
N GLN A 42 0.10 -12.31 -3.25
N GLN A 42 0.41 -12.29 -3.23
CA GLN A 42 -1.14 -12.06 -3.97
CA GLN A 42 -0.81 -12.17 -4.01
C GLN A 42 -1.40 -10.57 -4.16
C GLN A 42 -1.21 -10.72 -4.23
N GLN A 43 -0.41 -9.71 -3.93
N GLN A 43 -0.39 -9.76 -3.82
CA GLN A 43 -0.62 -8.26 -3.92
CA GLN A 43 -0.72 -8.35 -3.91
C GLN A 43 0.31 -7.51 -4.85
C GLN A 43 0.14 -7.61 -4.93
N TRP A 44 -0.29 -6.61 -5.63
N TRP A 44 -0.47 -6.61 -5.55
CA TRP A 44 0.40 -5.43 -6.11
CA TRP A 44 0.24 -5.51 -6.17
C TRP A 44 -0.22 -4.20 -5.47
C TRP A 44 -0.37 -4.22 -5.62
N LEU A 45 0.58 -3.13 -5.39
N LEU A 45 0.48 -3.24 -5.32
CA LEU A 45 0.10 -1.84 -4.93
CA LEU A 45 0.03 -1.91 -4.94
C LEU A 45 0.45 -0.81 -5.97
C LEU A 45 0.36 -0.95 -6.07
N ILE A 46 -0.54 -0.01 -6.35
N ILE A 46 -0.57 -0.08 -6.40
N ILE A 46 -0.58 -0.12 -6.48
CA ILE A 46 -0.44 0.89 -7.49
CA ILE A 46 -0.41 0.89 -7.47
CA ILE A 46 -0.55 0.91 -7.51
C ILE A 46 -0.77 2.31 -7.03
C ILE A 46 -0.68 2.28 -6.90
C ILE A 46 -0.76 2.30 -6.92
N PHE A 47 0.11 3.25 -7.36
N PHE A 47 0.00 3.28 -7.44
CA PHE A 47 -0.06 4.67 -7.07
CA PHE A 47 -0.31 4.66 -7.11
C PHE A 47 0.48 5.49 -8.23
C PHE A 47 0.13 5.50 -8.29
N ALA A 48 -0.26 6.52 -8.62
N ALA A 48 -0.69 6.44 -8.70
CA ALA A 48 0.17 7.45 -9.66
CA ALA A 48 -0.35 7.39 -9.76
C ALA A 48 0.53 6.73 -10.95
C ALA A 48 0.07 6.69 -11.04
N GLY A 49 -0.25 5.71 -11.31
N GLY A 49 -0.48 5.50 -11.31
CA GLY A 49 -0.06 5.04 -12.58
CA GLY A 49 -0.21 4.77 -12.52
C GLY A 49 1.13 4.12 -12.64
C GLY A 49 1.07 3.96 -12.51
N LYS A 50 1.75 3.83 -11.49
N LYS A 50 1.72 3.82 -11.36
N LYS A 50 1.71 3.84 -11.46
CA LYS A 50 2.91 2.97 -11.40
CA LYS A 50 2.99 3.13 -11.20
CA LYS A 50 2.87 2.98 -11.29
C LYS A 50 2.62 1.83 -10.46
C LYS A 50 2.80 1.94 -10.28
C LYS A 50 2.54 1.79 -10.41
N ARG A 51 3.27 0.70 -10.75
N ARG A 51 3.30 0.76 -10.69
CA ARG A 51 3.36 -0.40 -9.82
CA ARG A 51 3.33 -0.43 -9.84
C ARG A 51 4.48 -0.06 -8.85
C ARG A 51 4.47 -0.29 -8.84
N LEU A 52 4.20 -0.03 -7.57
N LEU A 52 4.12 -0.18 -7.56
CA LEU A 52 5.24 0.36 -6.64
CA LEU A 52 5.05 0.18 -6.49
C LEU A 52 6.21 -0.80 -6.46
C LEU A 52 6.02 -0.97 -6.23
N GLU A 53 7.50 -0.46 -6.33
N GLU A 53 7.31 -0.64 -6.20
CA GLU A 53 8.59 -1.42 -6.26
CA GLU A 53 8.41 -1.62 -6.20
C GLU A 53 8.89 -1.83 -4.83
C GLU A 53 8.87 -1.93 -4.77
N ASP A 54 9.16 -3.11 -4.63
N ASP A 54 8.85 -3.22 -4.41
CA ASP A 54 9.78 -3.55 -3.38
CA ASP A 54 8.96 -3.71 -3.02
C ASP A 54 11.14 -2.89 -3.23
C ASP A 54 10.03 -3.05 -2.16
N GLY A 55 11.47 -2.59 -1.98
N GLY A 55 11.23 -2.88 -2.72
CA GLY A 55 12.72 -1.94 -1.59
CA GLY A 55 12.40 -2.41 -2.02
C GLY A 55 12.63 -0.43 -1.52
C GLY A 55 12.52 -0.90 -1.98
N ARG A 56 11.66 0.20 -2.16
N ARG A 56 11.50 -0.22 -2.45
CA ARG A 56 11.43 1.63 -2.05
CA ARG A 56 11.36 1.22 -2.28
C ARG A 56 10.45 1.93 -0.93
C ARG A 56 10.43 1.48 -1.12
N THR A 57 10.54 3.12 -0.36
N THR A 57 10.36 2.74 -0.71
CA THR A 57 9.66 3.51 0.73
CA THR A 57 9.57 3.16 0.43
C THR A 57 8.51 4.39 0.27
C THR A 57 8.39 3.99 -0.03
N LEU A 58 7.51 4.51 1.14
N LEU A 58 7.43 4.18 0.89
CA LEU A 58 6.42 5.44 0.89
CA LEU A 58 6.32 5.08 0.57
C LEU A 58 6.94 6.87 0.72
C LEU A 58 6.84 6.48 0.26
N SER A 59 7.92 7.25 1.53
N SER A 59 7.86 6.93 0.99
N SER A 59 7.86 6.91 0.97
CA SER A 59 8.52 8.58 1.42
CA SER A 59 8.42 8.25 0.74
CA SER A 59 8.29 8.29 0.75
C SER A 59 9.17 8.79 0.06
C SER A 59 9.13 8.35 -0.60
C SER A 59 9.01 8.44 -0.58
N ASP A 60 9.82 7.76 -0.47
N ASP A 60 9.60 7.23 -1.14
CA ASP A 60 10.46 7.86 -1.78
CA ASP A 60 10.19 7.27 -2.48
C ASP A 60 9.44 8.14 -2.87
C ASP A 60 9.17 7.67 -3.52
N TYR A 61 8.22 7.66 -2.71
N TYR A 61 7.88 7.49 -3.24
CA TYR A 61 7.15 7.88 -3.68
CA TYR A 61 6.79 7.81 -4.15
C TYR A 61 6.35 9.13 -3.37
C TYR A 61 6.01 9.04 -3.74
N ASN A 62 6.75 9.89 -2.35
N ASN A 62 6.47 9.75 -2.71
CA ASN A 62 6.10 11.13 -1.94
CA ASN A 62 5.83 10.98 -2.23
C ASN A 62 4.65 10.90 -1.54
C ASN A 62 4.38 10.73 -1.85
N ILE A 63 4.34 9.72 -1.01
N ILE A 63 4.14 9.63 -1.14
N ILE A 63 4.33 9.75 -0.98
CA ILE A 63 2.97 9.42 -0.60
CA ILE A 63 2.81 9.26 -0.71
CA ILE A 63 2.97 9.42 -0.60
C ILE A 63 2.63 10.22 0.65
C ILE A 63 2.58 9.89 0.66
C ILE A 63 2.59 10.21 0.63
N GLN A 64 1.52 10.94 0.60
N GLN A 64 1.63 10.80 0.74
CA GLN A 64 1.06 11.82 1.66
CA GLN A 64 1.35 11.58 1.94
C GLN A 64 0.01 11.13 2.53
C GLN A 64 0.19 10.95 2.71
N LYS A 65 -0.16 11.65 3.75
N LYS A 65 -0.02 11.47 3.91
CA LYS A 65 -1.17 11.10 4.64
CA LYS A 65 -1.10 10.95 4.74
C LYS A 65 -2.55 11.19 3.98
C LYS A 65 -2.44 11.10 4.03
N GLU A 66 -3.35 10.16 4.24
N GLU A 66 -3.32 10.14 4.32
CA GLU A 66 -4.73 10.07 3.74
CA GLU A 66 -4.72 10.16 3.88
C GLU A 66 -4.79 9.90 2.23
C GLU A 66 -4.86 10.06 2.36
N SER A 67 -3.68 9.55 1.61
N SER A 67 -3.92 9.37 1.72
N SER A 67 -3.47 9.44 1.54
CA SER A 67 -3.69 9.13 0.20
CA SER A 67 -3.96 9.14 0.28
CA SER A 67 -3.50 8.94 0.17
C SER A 67 -4.37 7.77 0.07
C SER A 67 -4.32 7.69 0.00
C SER A 67 -4.34 7.66 0.07
N THR A 68 -4.61 7.38 -1.18
N THR A 68 -4.83 7.48 -1.20
CA THR A 68 -5.29 6.12 -1.50
CA THR A 68 -5.38 6.18 -1.60
C THR A 68 -4.49 5.32 -2.52
C THR A 68 -4.40 5.45 -2.52
N LEU A 69 -3.94 4.18 -2.08
N LEU A 69 -4.09 4.20 -2.17
N LEU A 69 -4.23 4.25 -2.18
CA LEU A 69 -3.35 3.21 -2.98
CA LEU A 69 -3.36 3.29 -3.04
CA LEU A 69 -3.53 3.32 -3.05
C LEU A 69 -4.47 2.37 -3.63
C LEU A 69 -4.29 2.19 -3.53
C LEU A 69 -4.51 2.28 -3.61
N ARG A 70 -4.21 1.83 -4.81
N ARG A 70 -4.04 1.72 -4.75
CA ARG A 70 -5.03 0.75 -5.35
CA ARG A 70 -4.89 0.76 -5.43
C ARG A 70 -4.37 -0.58 -5.03
C ARG A 70 -4.34 -0.64 -5.22
N GLY A 71 -5.16 -1.51 -4.49
N GLY A 71 -5.13 -1.48 -4.55
CA GLY A 71 -4.71 -2.86 -4.27
CA GLY A 71 -4.77 -2.87 -4.35
C GLY A 71 -5.27 -3.75 -5.37
C GLY A 71 -5.22 -3.70 -5.53
N VAL A 72 -4.37 -4.46 -6.05
N VAL A 72 -4.33 -4.55 -6.00
CA VAL A 72 -4.72 -5.36 -7.15
CA VAL A 72 -4.53 -5.32 -7.23
C VAL A 72 -4.24 -6.76 -6.79
C VAL A 72 -4.03 -6.73 -7.00
N ARG A 73 -4.94 -7.75 -7.32
N ARG A 73 -4.74 -7.71 -7.56
N ARG A 73 -4.77 -7.72 -7.37
CA ARG A 73 -4.58 -9.15 -7.12
CA ARG A 73 -4.46 -9.12 -7.29
CA ARG A 73 -4.39 -9.11 -7.18
C ARG A 73 -3.48 -9.54 -8.09
C ARG A 73 -3.33 -9.61 -8.20
C ARG A 73 -3.30 -9.49 -8.19
N ARG A 74 -2.31 -9.87 -7.53
N ARG A 74 -2.20 -9.96 -7.59
CA ARG A 74 -1.19 -10.35 -8.32
CA ARG A 74 -1.06 -10.51 -8.29
C ARG A 74 -1.50 -11.80 -8.68
C ARG A 74 -1.34 -11.98 -8.51
N LEU A 75 -1.05 -12.23 -9.84
N LEU A 75 -1.37 -12.38 -9.76
CA LEU A 75 -1.29 -13.58 -10.34
CA LEU A 75 -1.66 -13.77 -10.12
C LEU A 75 0.02 -14.25 -10.70
C LEU A 75 -0.41 -14.64 -10.06
S SO4 B . 11.04 -4.64 5.96
O1 SO4 B . 11.31 -3.56 5.05
O2 SO4 B . 9.61 -4.79 6.24
O3 SO4 B . 11.50 -5.90 5.39
O4 SO4 B . 11.74 -4.47 7.23
S SO4 C . -8.52 -1.52 11.70
O1 SO4 C . -7.58 -1.05 10.67
O2 SO4 C . -9.30 -0.39 12.20
O3 SO4 C . -9.39 -2.51 11.09
O4 SO4 C . -7.77 -2.18 12.76
#